data_5ORB
#
_entry.id   5ORB
#
_cell.length_a   80.906
_cell.length_b   96.788
_cell.length_c   57.820
_cell.angle_alpha   90.000
_cell.angle_beta   90.000
_cell.angle_gamma   90.000
#
_symmetry.space_group_name_H-M   'C 2 2 21'
#
loop_
_entity.id
_entity.type
_entity.pdbx_description
1 polymer 'Bromodomain adjacent to zinc finger domain protein 2B'
2 non-polymer 2-(4-methoxyphenyl)sulfanyl-~{N}-(2-methyl-5,6-dihydro-4~{H}-cyclopenta[c]pyrazol-3-yl)ethanamide
3 non-polymer 1,2-ETHANEDIOL
4 water water
#
_entity_poly.entity_id   1
_entity_poly.type   'polypeptide(L)'
_entity_poly.pdbx_seq_one_letter_code
;SMSVKKPKRDDSKDLALCSMILTEMETHEDAWPFLLPVNLKLVPGYKKVIKKPMDFSTIREKLSSGQYPNLETFALDVRL
VFDNCETFNEDDSDIGRAGHNMRKYFEKKWTDTFKVS
;
_entity_poly.pdbx_strand_id   A
#
loop_
_chem_comp.id
_chem_comp.type
_chem_comp.name
_chem_comp.formula
EDO non-polymer 1,2-ETHANEDIOL 'C2 H6 O2'
JR6 non-polymer 2-(4-methoxyphenyl)sulfanyl-~{N}-(2-methyl-5,6-dihydro-4~{H}-cyclopenta[c]pyrazol-3-yl)ethanamide 'C16 H19 N3 O2 S'
#
# COMPACT_ATOMS: atom_id res chain seq x y z
N SER A 1 -22.45 -16.46 14.17
CA SER A 1 -23.52 -16.93 13.30
C SER A 1 -24.75 -16.07 13.51
N MET A 2 -25.89 -16.49 12.97
CA MET A 2 -27.10 -15.66 13.04
C MET A 2 -27.48 -15.40 14.49
N SER A 3 -27.59 -14.11 14.84
CA SER A 3 -27.92 -13.64 16.18
C SER A 3 -26.85 -13.96 17.23
N VAL A 4 -25.63 -14.30 16.81
CA VAL A 4 -24.54 -14.61 17.72
C VAL A 4 -23.40 -13.69 17.35
N LYS A 5 -23.28 -12.57 18.05
CA LYS A 5 -22.39 -11.48 17.66
C LYS A 5 -21.05 -11.60 18.34
N LYS A 6 -20.00 -11.54 17.57
CA LYS A 6 -18.68 -11.44 18.16
C LYS A 6 -18.41 -9.98 18.53
N PRO A 7 -17.79 -9.72 19.68
CA PRO A 7 -17.34 -8.36 19.95
C PRO A 7 -16.46 -7.89 18.81
N LYS A 8 -16.63 -6.63 18.42
CA LYS A 8 -15.89 -6.07 17.30
C LYS A 8 -15.25 -4.76 17.73
N ARG A 9 -14.06 -4.50 17.19
CA ARG A 9 -13.31 -3.33 17.58
C ARG A 9 -13.98 -2.06 17.05
N ASP A 10 -13.82 -0.98 17.81
CA ASP A 10 -14.21 0.34 17.33
C ASP A 10 -13.37 0.68 16.11
N ASP A 11 -14.03 0.93 14.98
CA ASP A 11 -13.35 1.24 13.74
C ASP A 11 -13.63 2.65 13.24
N SER A 12 -14.21 3.51 14.09
CA SER A 12 -14.53 4.86 13.66
C SER A 12 -13.28 5.69 13.38
N LYS A 13 -12.12 5.32 13.91
CA LYS A 13 -10.89 6.05 13.64
C LYS A 13 -10.13 5.51 12.44
N ASP A 14 -10.57 4.39 11.85
CA ASP A 14 -9.73 3.68 10.89
C ASP A 14 -9.37 4.55 9.70
N LEU A 15 -10.37 5.24 9.12
CA LEU A 15 -10.12 6.06 7.94
C LEU A 15 -9.06 7.12 8.24
N ALA A 16 -9.22 7.84 9.35
CA ALA A 16 -8.21 8.83 9.73
C ALA A 16 -6.84 8.20 9.91
N LEU A 17 -6.76 7.04 10.57
CA LEU A 17 -5.45 6.43 10.82
C LEU A 17 -4.79 5.94 9.53
N CYS A 18 -5.56 5.31 8.64
CA CYS A 18 -4.98 4.89 7.36
C CYS A 18 -4.47 6.08 6.57
N SER A 19 -5.21 7.19 6.62
CA SER A 19 -4.77 8.40 5.94
C SER A 19 -3.44 8.89 6.51
N MET A 20 -3.33 8.91 7.84
CA MET A 20 -2.07 9.31 8.47
CA MET A 20 -2.08 9.34 8.44
C MET A 20 -0.93 8.42 8.04
N ILE A 21 -1.14 7.10 8.15
CA ILE A 21 -0.10 6.15 7.75
C ILE A 21 0.31 6.38 6.29
N LEU A 22 -0.68 6.58 5.41
CA LEU A 22 -0.35 6.77 4.00
C LEU A 22 0.43 8.06 3.79
N THR A 23 0.09 9.10 4.54
CA THR A 23 0.85 10.35 4.47
C THR A 23 2.31 10.12 4.85
N GLU A 24 2.55 9.31 5.87
CA GLU A 24 3.93 9.03 6.24
C GLU A 24 4.65 8.28 5.14
N MET A 25 3.97 7.30 4.53
CA MET A 25 4.52 6.64 3.35
C MET A 25 4.89 7.68 2.29
N GLU A 26 3.92 8.50 1.90
CA GLU A 26 4.11 9.42 0.79
C GLU A 26 5.30 10.36 1.04
N THR A 27 5.59 10.70 2.30
CA THR A 27 6.64 11.65 2.63
C THR A 27 7.98 11.00 3.00
N HIS A 28 8.06 9.67 2.96
CA HIS A 28 9.32 8.97 3.12
C HIS A 28 10.23 9.21 1.91
N GLU A 29 11.54 9.31 2.15
CA GLU A 29 12.41 9.66 1.03
C GLU A 29 12.50 8.56 -0.03
N ASP A 30 12.28 7.30 0.35
CA ASP A 30 12.28 6.20 -0.60
C ASP A 30 10.90 5.92 -1.19
N ALA A 31 9.96 6.86 -1.07
CA ALA A 31 8.64 6.64 -1.65
C ALA A 31 8.56 6.97 -3.14
N TRP A 32 9.61 7.58 -3.71
CA TRP A 32 9.53 8.08 -5.07
C TRP A 32 9.22 7.01 -6.12
N PRO A 33 9.60 5.74 -6.00
CA PRO A 33 9.19 4.77 -7.02
C PRO A 33 7.69 4.47 -6.99
N PHE A 34 6.96 4.89 -5.97
CA PHE A 34 5.60 4.42 -5.76
C PHE A 34 4.57 5.55 -5.70
N LEU A 35 4.98 6.79 -5.94
CA LEU A 35 4.06 7.91 -5.80
C LEU A 35 3.05 7.97 -6.93
N LEU A 36 3.41 7.51 -8.13
CA LEU A 36 2.58 7.58 -9.32
C LEU A 36 2.55 6.25 -10.01
N PRO A 37 1.53 5.97 -10.83
CA PRO A 37 1.47 4.68 -11.52
C PRO A 37 2.65 4.48 -12.46
N VAL A 38 3.12 3.22 -12.53
CA VAL A 38 4.09 2.86 -13.55
C VAL A 38 3.51 3.17 -14.92
N ASN A 39 4.27 3.90 -15.74
CA ASN A 39 3.80 4.31 -17.05
C ASN A 39 3.78 3.10 -17.98
N LEU A 40 2.61 2.48 -18.14
CA LEU A 40 2.51 1.22 -18.86
C LEU A 40 2.90 1.32 -20.33
N LYS A 41 3.09 2.53 -20.86
CA LYS A 41 3.47 2.70 -22.26
CA LYS A 41 3.47 2.68 -22.26
C LYS A 41 4.93 3.11 -22.42
N LEU A 42 5.68 3.21 -21.32
CA LEU A 42 7.09 3.50 -21.37
C LEU A 42 7.95 2.45 -20.69
N VAL A 43 7.35 1.52 -19.94
CA VAL A 43 8.10 0.48 -19.24
C VAL A 43 7.80 -0.85 -19.91
N PRO A 44 8.76 -1.44 -20.63
CA PRO A 44 8.49 -2.71 -21.32
C PRO A 44 8.22 -3.83 -20.34
N GLY A 45 7.23 -4.66 -20.68
CA GLY A 45 6.88 -5.81 -19.87
C GLY A 45 5.93 -5.56 -18.72
N TYR A 46 5.80 -4.32 -18.25
CA TYR A 46 5.12 -4.13 -16.96
C TYR A 46 3.65 -4.51 -17.04
N LYS A 47 2.96 -4.03 -18.09
CA LYS A 47 1.54 -4.31 -18.24
C LYS A 47 1.29 -5.80 -18.38
N LYS A 48 2.17 -6.50 -19.10
CA LYS A 48 1.97 -7.93 -19.32
C LYS A 48 2.29 -8.74 -18.07
N VAL A 49 3.37 -8.38 -17.36
CA VAL A 49 3.81 -9.15 -16.20
C VAL A 49 3.00 -8.81 -14.94
N ILE A 50 2.68 -7.54 -14.72
CA ILE A 50 2.07 -7.10 -13.48
C ILE A 50 0.55 -7.01 -13.70
N LYS A 51 -0.19 -7.99 -13.18
CA LYS A 51 -1.62 -8.08 -13.46
C LYS A 51 -2.45 -7.02 -12.72
N LYS A 52 -2.01 -6.60 -11.53
CA LYS A 52 -2.72 -5.60 -10.75
C LYS A 52 -1.71 -4.55 -10.33
N PRO A 53 -1.46 -3.55 -11.18
CA PRO A 53 -0.60 -2.43 -10.78
C PRO A 53 -1.24 -1.63 -9.66
N MET A 54 -0.40 -1.01 -8.83
CA MET A 54 -0.92 -0.23 -7.72
C MET A 54 0.16 0.75 -7.30
N ASP A 55 -0.25 1.90 -6.78
CA ASP A 55 0.70 2.92 -6.35
C ASP A 55 0.03 3.78 -5.29
N PHE A 56 0.82 4.63 -4.62
CA PHE A 56 0.32 5.39 -3.48
C PHE A 56 -0.78 6.37 -3.90
N SER A 57 -0.62 7.02 -5.06
CA SER A 57 -1.62 8.00 -5.47
C SER A 57 -2.96 7.33 -5.75
N THR A 58 -2.94 6.13 -6.32
CA THR A 58 -4.19 5.40 -6.53
C THR A 58 -4.82 5.03 -5.19
N ILE A 59 -4.00 4.54 -4.26
CA ILE A 59 -4.49 4.23 -2.92
C ILE A 59 -5.08 5.47 -2.26
N ARG A 60 -4.38 6.60 -2.39
CA ARG A 60 -4.90 7.87 -1.85
C ARG A 60 -6.25 8.21 -2.46
N GLU A 61 -6.39 8.05 -3.78
CA GLU A 61 -7.66 8.34 -4.43
C GLU A 61 -8.77 7.42 -3.92
N LYS A 62 -8.49 6.12 -3.85
CA LYS A 62 -9.48 5.16 -3.36
C LYS A 62 -9.85 5.44 -1.90
N LEU A 63 -8.87 5.82 -1.08
CA LEU A 63 -9.17 6.13 0.31
C LEU A 63 -10.05 7.38 0.42
N SER A 64 -9.84 8.37 -0.45
CA SER A 64 -10.59 9.62 -0.40
C SER A 64 -12.01 9.50 -0.97
N SER A 65 -12.33 8.40 -1.64
CA SER A 65 -13.64 8.20 -2.25
C SER A 65 -14.34 6.94 -1.74
N GLY A 66 -13.99 6.47 -0.55
CA GLY A 66 -14.73 5.40 0.09
C GLY A 66 -14.68 4.07 -0.63
N GLN A 67 -13.59 3.79 -1.31
CA GLN A 67 -13.45 2.54 -2.03
C GLN A 67 -12.80 1.44 -1.20
N TYR A 68 -12.44 1.71 0.05
CA TYR A 68 -11.98 0.63 0.92
C TYR A 68 -13.06 0.28 1.93
N PRO A 69 -13.59 -0.94 1.89
CA PRO A 69 -14.62 -1.31 2.88
C PRO A 69 -14.08 -1.38 4.30
N ASN A 70 -12.81 -1.73 4.47
CA ASN A 70 -12.23 -1.91 5.80
C ASN A 70 -10.72 -1.72 5.71
N LEU A 71 -10.07 -1.60 6.86
CA LEU A 71 -8.63 -1.39 6.85
C LEU A 71 -7.88 -2.58 6.23
N GLU A 72 -8.45 -3.79 6.31
CA GLU A 72 -7.79 -4.94 5.71
C GLU A 72 -7.60 -4.75 4.20
N THR A 73 -8.65 -4.29 3.50
CA THR A 73 -8.52 -4.11 2.06
C THR A 73 -7.51 -3.00 1.75
N PHE A 74 -7.39 -2.01 2.63
CA PHE A 74 -6.37 -0.98 2.47
C PHE A 74 -4.97 -1.58 2.56
N ALA A 75 -4.72 -2.41 3.58
CA ALA A 75 -3.41 -3.04 3.70
C ALA A 75 -3.10 -3.94 2.51
N LEU A 76 -4.15 -4.55 1.92
CA LEU A 76 -3.95 -5.38 0.74
C LEU A 76 -3.37 -4.57 -0.41
N ASP A 77 -3.90 -3.37 -0.64
CA ASP A 77 -3.39 -2.54 -1.73
C ASP A 77 -1.98 -2.05 -1.43
N VAL A 78 -1.69 -1.71 -0.18
CA VAL A 78 -0.33 -1.29 0.17
C VAL A 78 0.64 -2.42 -0.11
N ARG A 79 0.31 -3.63 0.35
CA ARG A 79 1.19 -4.77 0.16
C ARG A 79 1.35 -5.09 -1.33
N LEU A 80 0.28 -4.90 -2.11
CA LEU A 80 0.33 -5.07 -3.55
C LEU A 80 1.44 -4.22 -4.18
N VAL A 81 1.56 -2.95 -3.78
CA VAL A 81 2.62 -2.07 -4.28
C VAL A 81 3.97 -2.77 -4.13
N PHE A 82 4.27 -3.26 -2.93
CA PHE A 82 5.59 -3.84 -2.67
C PHE A 82 5.75 -5.23 -3.27
N ASP A 83 4.65 -5.98 -3.39
CA ASP A 83 4.73 -7.28 -4.07
C ASP A 83 5.00 -7.10 -5.55
N ASN A 84 4.27 -6.20 -6.21
CA ASN A 84 4.61 -5.88 -7.60
C ASN A 84 6.05 -5.43 -7.72
N CYS A 85 6.52 -4.60 -6.77
CA CYS A 85 7.91 -4.15 -6.80
C CYS A 85 8.87 -5.32 -6.76
N GLU A 86 8.63 -6.29 -5.87
CA GLU A 86 9.55 -7.42 -5.76
C GLU A 86 9.52 -8.26 -7.03
N THR A 87 8.33 -8.42 -7.62
CA THR A 87 8.18 -9.20 -8.82
C THR A 87 9.05 -8.67 -9.95
N PHE A 88 9.08 -7.35 -10.12
CA PHE A 88 9.67 -6.74 -11.29
C PHE A 88 11.11 -6.27 -11.08
N ASN A 89 11.50 -5.91 -9.87
CA ASN A 89 12.81 -5.30 -9.65
C ASN A 89 13.74 -6.24 -8.89
N GLU A 90 15.04 -6.14 -9.20
CA GLU A 90 16.06 -6.86 -8.45
CA GLU A 90 16.04 -6.86 -8.45
C GLU A 90 16.16 -6.29 -7.05
N ASP A 91 16.42 -7.18 -6.06
CA ASP A 91 16.54 -6.73 -4.67
C ASP A 91 17.63 -5.68 -4.50
N ASP A 92 18.71 -5.79 -5.26
CA ASP A 92 19.81 -4.85 -5.10
C ASP A 92 19.56 -3.51 -5.76
N SER A 93 18.64 -3.44 -6.72
CA SER A 93 18.40 -2.20 -7.42
C SER A 93 17.93 -1.12 -6.45
N ASP A 94 18.03 0.13 -6.91
CA ASP A 94 17.52 1.24 -6.11
C ASP A 94 16.04 1.08 -5.84
N ILE A 95 15.24 0.86 -6.89
CA ILE A 95 13.81 0.65 -6.72
C ILE A 95 13.54 -0.60 -5.89
N GLY A 96 14.26 -1.68 -6.18
CA GLY A 96 14.06 -2.91 -5.42
C GLY A 96 14.34 -2.75 -3.93
N ARG A 97 15.42 -2.04 -3.59
CA ARG A 97 15.68 -1.86 -2.16
C ARG A 97 14.71 -0.87 -1.54
N ALA A 98 14.27 0.13 -2.33
CA ALA A 98 13.21 1.03 -1.87
C ALA A 98 11.98 0.25 -1.41
N GLY A 99 11.57 -0.76 -2.17
CA GLY A 99 10.35 -1.47 -1.81
C GLY A 99 10.50 -2.24 -0.52
N HIS A 100 11.66 -2.89 -0.33
CA HIS A 100 11.93 -3.57 0.93
C HIS A 100 11.90 -2.59 2.10
N ASN A 101 12.67 -1.50 1.99
CA ASN A 101 12.62 -0.44 2.99
C ASN A 101 11.19 0.03 3.26
N MET A 102 10.47 0.40 2.19
CA MET A 102 9.10 0.92 2.35
C MET A 102 8.15 -0.12 2.90
N ARG A 103 8.35 -1.40 2.58
CA ARG A 103 7.49 -2.42 3.15
C ARG A 103 7.70 -2.51 4.65
N LYS A 104 8.96 -2.52 5.08
CA LYS A 104 9.28 -2.60 6.50
C LYS A 104 8.72 -1.39 7.25
N TYR A 105 8.90 -0.20 6.69
CA TYR A 105 8.34 1.00 7.29
C TYR A 105 6.83 0.86 7.52
N PHE A 106 6.11 0.40 6.48
CA PHE A 106 4.66 0.25 6.60
C PHE A 106 4.28 -0.76 7.68
N GLU A 107 4.88 -1.95 7.65
CA GLU A 107 4.44 -2.98 8.56
C GLU A 107 4.69 -2.56 10.01
N LYS A 108 5.73 -1.76 10.26
CA LYS A 108 5.95 -1.26 11.61
C LYS A 108 4.89 -0.23 11.99
N LYS A 109 4.54 0.69 11.09
CA LYS A 109 3.45 1.61 11.38
C LYS A 109 2.13 0.86 11.57
N TRP A 110 1.90 -0.16 10.73
CA TRP A 110 0.66 -0.93 10.87
C TRP A 110 0.57 -1.56 12.25
N THR A 111 1.65 -2.21 12.69
CA THR A 111 1.64 -2.83 14.00
C THR A 111 1.51 -1.79 15.11
N ASP A 112 2.32 -0.73 15.03
CA ASP A 112 2.28 0.28 16.07
C ASP A 112 0.91 0.96 16.18
N THR A 113 0.16 1.02 15.08
CA THR A 113 -1.11 1.73 15.08
C THR A 113 -2.30 0.84 15.47
N PHE A 114 -2.37 -0.36 14.93
CA PHE A 114 -3.56 -1.19 15.09
C PHE A 114 -3.36 -2.41 15.97
N LYS A 115 -2.15 -2.93 16.07
CA LYS A 115 -1.83 -3.91 17.10
C LYS A 115 -1.16 -3.26 18.32
N VAL A 116 -0.81 -1.98 18.21
CA VAL A 116 -0.07 -1.18 19.22
C VAL A 116 0.62 -1.98 20.31
C01 JR6 B . 12.69 7.76 -16.24
C03 JR6 B . 12.09 6.57 -14.30
C04 JR6 B . 12.48 5.90 -13.14
C05 JR6 B . 11.59 5.75 -12.10
C06 JR6 B . 10.30 6.27 -12.20
C08 JR6 B . 7.58 5.31 -11.42
C09 JR6 B . 7.86 3.82 -11.67
C12 JR6 B . 8.67 1.57 -10.84
C13 JR6 B . 9.35 1.03 -11.92
C14 JR6 B . 10.07 1.40 -13.23
C15 JR6 B . 10.84 0.18 -13.66
C16 JR6 B . 10.17 -0.98 -12.94
C17 JR6 B . 9.40 -0.35 -11.75
C20 JR6 B . 7.60 0.67 -8.80
C21 JR6 B . 9.91 6.93 -13.35
C22 JR6 B . 10.81 7.09 -14.39
N11 JR6 B . 8.39 2.99 -10.62
N18 JR6 B . 8.77 -0.65 -10.59
N19 JR6 B . 8.32 0.55 -10.06
O02 JR6 B . 12.99 6.72 -15.36
O10 JR6 B . 7.64 3.38 -12.74
S07 JR6 B . 9.13 6.08 -10.82
C1 EDO C . -4.10 -8.23 -3.72
O1 EDO C . -5.08 -7.66 -4.61
C2 EDO C . -3.33 -9.33 -4.43
O2 EDO C . -4.23 -10.15 -5.19
#